data_5WFV
#
_entry.id   5WFV
#
_cell.length_a   162.919
_cell.length_b   69.253
_cell.length_c   79.228
_cell.angle_alpha   90.00
_cell.angle_beta   118.50
_cell.angle_gamma   90.00
#
_symmetry.space_group_name_H-M   'C 1 2 1'
#
loop_
_entity.id
_entity.type
_entity.pdbx_description
1 polymer 'Kelch-like ECH-associated protein 1'
2 polymer 'Nrf2 ETGE peptide'
3 non-polymer 'SULFATE ION'
4 water water
#
loop_
_entity_poly.entity_id
_entity_poly.type
_entity_poly.pdbx_seq_one_letter_code
_entity_poly.pdbx_strand_id
1 'polypeptide(L)'
;MGSSHHHHHHSSGGENLYFQGHMKPTQVMPSRAPKVGRLIYTAGGYFRQSLSYLEAYNPSDGTWLRLADLQVPRSGLAGC
VVGGLLYAVGGRNNSPDGNTDSSALDCYNPMTNQWSPCAPMSVPRNRIGVGVIDGHIYAVGGSHGCIHHNSVERYEPERD
EWHLVAPMLTRRIGVGVAVLNRLLYAVGGFDGTNRLNSAECYYPERNEWRMITAMNTIRSGAGVCVLHNCIYAAGGYDGQ
DQLNSVERYDVATATWTFVAPMKHRRSALGITVHQGRIYVLGGYDGHTFLDSVECYDPDTDTWSEVTRMTSGRSGVGVAV
TMEPSRKQIDQQNSTS
;
A,B
2 'polypeptide(L)' LDEETGEFL P
#
# COMPACT_ATOMS: atom_id res chain seq x y z
N ARG A 38 -16.92 -4.37 -7.80
CA ARG A 38 -17.16 -3.08 -7.14
C ARG A 38 -17.50 -2.00 -8.15
N LEU A 39 -18.20 -0.96 -7.68
CA LEU A 39 -18.77 0.06 -8.54
C LEU A 39 -18.31 1.44 -8.08
N ILE A 40 -18.42 2.41 -8.99
CA ILE A 40 -18.08 3.81 -8.74
C ILE A 40 -19.37 4.55 -8.39
N TYR A 41 -19.52 4.94 -7.13
CA TYR A 41 -20.70 5.66 -6.68
C TYR A 41 -20.47 7.16 -6.78
N THR A 42 -21.46 7.88 -7.31
CA THR A 42 -21.45 9.34 -7.32
C THR A 42 -22.70 9.85 -6.63
N ALA A 43 -22.51 10.82 -5.72
CA ALA A 43 -23.59 11.34 -4.90
C ALA A 43 -23.65 12.85 -5.01
N GLY A 44 -24.86 13.38 -5.13
CA GLY A 44 -25.05 14.81 -5.15
C GLY A 44 -24.50 15.46 -6.40
N GLY A 45 -24.13 16.73 -6.27
CA GLY A 45 -23.68 17.54 -7.37
C GLY A 45 -24.67 18.66 -7.66
N TYR A 46 -24.36 19.42 -8.71
CA TYR A 46 -25.12 20.61 -9.03
C TYR A 46 -25.39 20.70 -10.51
N PHE A 47 -26.66 20.92 -10.87
CA PHE A 47 -27.02 21.43 -12.19
C PHE A 47 -28.32 22.21 -12.01
N ARG A 48 -28.24 23.52 -12.18
CA ARG A 48 -29.30 24.46 -11.86
C ARG A 48 -29.64 24.51 -10.37
N GLN A 49 -29.46 23.40 -9.65
CA GLN A 49 -29.62 23.37 -8.20
C GLN A 49 -28.85 22.17 -7.69
N SER A 50 -28.58 22.15 -6.38
CA SER A 50 -27.96 20.98 -5.77
C SER A 50 -28.88 19.76 -5.95
N LEU A 51 -28.25 18.61 -6.12
CA LEU A 51 -28.94 17.42 -6.58
C LEU A 51 -28.93 16.35 -5.50
N SER A 52 -29.87 15.42 -5.62
CA SER A 52 -29.97 14.30 -4.68
C SER A 52 -29.50 12.98 -5.27
N TYR A 53 -29.00 12.98 -6.52
CA TYR A 53 -28.75 11.74 -7.26
C TYR A 53 -27.73 10.85 -6.57
N LEU A 54 -28.05 9.56 -6.46
CA LEU A 54 -27.07 8.53 -6.20
C LEU A 54 -27.08 7.56 -7.37
N GLU A 55 -25.95 7.48 -8.08
CA GLU A 55 -25.81 6.62 -9.24
C GLU A 55 -24.49 5.86 -9.15
N ALA A 56 -24.49 4.62 -9.64
CA ALA A 56 -23.34 3.74 -9.56
C ALA A 56 -22.93 3.29 -10.95
N TYR A 57 -21.63 3.43 -11.25
CA TYR A 57 -21.02 3.05 -12.51
C TYR A 57 -20.12 1.84 -12.31
N ASN A 58 -19.76 1.23 -13.43
CA ASN A 58 -19.06 -0.04 -13.52
C ASN A 58 -18.20 -0.09 -14.77
N PRO A 59 -16.90 -0.07 -14.57
CA PRO A 59 -15.92 -0.46 -15.59
C PRO A 59 -16.36 -1.57 -16.55
N SER A 60 -16.73 -2.73 -15.96
CA SER A 60 -16.80 -3.99 -16.69
C SER A 60 -17.83 -3.92 -17.81
N ASP A 61 -19.09 -3.62 -17.49
CA ASP A 61 -20.14 -3.62 -18.49
C ASP A 61 -20.55 -2.23 -18.94
N GLY A 62 -19.99 -1.17 -18.34
CA GLY A 62 -20.33 0.18 -18.74
C GLY A 62 -21.75 0.60 -18.41
N THR A 63 -22.36 0.01 -17.40
CA THR A 63 -23.75 0.29 -17.08
C THR A 63 -23.86 1.34 -15.96
N TRP A 64 -24.83 2.22 -16.11
CA TRP A 64 -25.17 3.21 -15.08
C TRP A 64 -26.41 2.73 -14.34
N LEU A 65 -26.37 2.78 -13.02
CA LEU A 65 -27.45 2.30 -12.16
C LEU A 65 -27.93 3.44 -11.27
N ARG A 66 -29.25 3.58 -11.15
CA ARG A 66 -29.87 4.63 -10.34
C ARG A 66 -30.28 4.05 -8.98
N LEU A 67 -29.82 4.70 -7.91
CA LEU A 67 -30.03 4.18 -6.56
C LEU A 67 -30.83 5.15 -5.71
N ALA A 68 -30.82 4.95 -4.39
CA ALA A 68 -31.65 5.73 -3.49
C ALA A 68 -31.16 7.18 -3.42
N ASP A 69 -32.09 8.13 -3.59
CA ASP A 69 -31.78 9.55 -3.50
C ASP A 69 -31.27 9.91 -2.12
N LEU A 70 -30.31 10.84 -2.07
CA LEU A 70 -29.98 11.50 -0.81
C LEU A 70 -31.24 12.11 -0.22
N GLN A 71 -31.30 12.16 1.11
CA GLN A 71 -32.47 12.73 1.75
C GLN A 71 -32.49 14.26 1.68
N VAL A 72 -31.33 14.89 1.54
CA VAL A 72 -31.21 16.33 1.41
C VAL A 72 -30.27 16.58 0.23
N PRO A 73 -30.66 17.40 -0.75
CA PRO A 73 -29.77 17.63 -1.90
C PRO A 73 -28.47 18.26 -1.43
N ARG A 74 -27.39 17.97 -2.15
CA ARG A 74 -26.12 18.56 -1.75
C ARG A 74 -25.13 18.53 -2.90
N SER A 75 -24.37 19.61 -3.01
CA SER A 75 -23.27 19.76 -3.94
C SER A 75 -22.08 20.32 -3.18
N GLY A 76 -20.88 20.16 -3.73
CA GLY A 76 -19.69 20.54 -2.99
C GLY A 76 -19.35 19.64 -1.82
N LEU A 77 -19.96 18.44 -1.77
CA LEU A 77 -19.67 17.44 -0.76
C LEU A 77 -18.44 16.61 -1.17
N ALA A 78 -18.04 15.72 -0.28
CA ALA A 78 -17.04 14.69 -0.60
C ALA A 78 -17.61 13.34 -0.22
N GLY A 79 -17.13 12.30 -0.88
CA GLY A 79 -17.57 10.94 -0.64
C GLY A 79 -16.40 10.07 -0.24
N CYS A 80 -16.68 9.06 0.59
CA CYS A 80 -15.66 8.11 1.00
C CYS A 80 -16.36 6.84 1.47
N VAL A 81 -15.59 5.77 1.57
CA VAL A 81 -16.11 4.46 1.97
C VAL A 81 -15.32 3.97 3.17
N VAL A 82 -16.04 3.60 4.23
CA VAL A 82 -15.43 2.97 5.41
C VAL A 82 -16.26 1.72 5.74
N GLY A 83 -15.56 0.64 6.07
CA GLY A 83 -16.22 -0.65 6.04
C GLY A 83 -16.63 -0.92 4.61
N GLY A 84 -17.90 -1.20 4.41
CA GLY A 84 -18.42 -1.28 3.06
C GLY A 84 -19.49 -0.22 2.89
N LEU A 85 -19.40 0.81 3.71
CA LEU A 85 -20.43 1.84 3.81
C LEU A 85 -19.95 3.13 3.16
N LEU A 86 -20.81 3.72 2.33
CA LEU A 86 -20.51 4.96 1.63
C LEU A 86 -21.03 6.15 2.43
N TYR A 87 -20.18 7.16 2.60
CA TYR A 87 -20.49 8.34 3.39
C TYR A 87 -20.53 9.57 2.50
N ALA A 88 -21.54 10.41 2.71
CA ALA A 88 -21.63 11.73 2.10
C ALA A 88 -21.36 12.77 3.19
N VAL A 89 -20.37 13.63 2.97
CA VAL A 89 -19.87 14.56 3.99
C VAL A 89 -19.95 16.00 3.45
N GLY A 90 -20.61 16.87 4.22
CA GLY A 90 -20.59 18.30 3.95
C GLY A 90 -21.32 18.69 2.67
N GLY A 91 -20.86 19.78 2.07
CA GLY A 91 -21.49 20.37 0.92
C GLY A 91 -22.43 21.49 1.30
N ARG A 92 -23.42 21.73 0.43
CA ARG A 92 -24.44 22.73 0.68
C ARG A 92 -25.63 22.42 -0.22
N ASN A 93 -26.79 22.93 0.19
CA ASN A 93 -28.03 22.78 -0.57
C ASN A 93 -28.32 24.15 -1.20
N ASN A 94 -27.88 24.32 -2.44
CA ASN A 94 -28.08 25.54 -3.23
C ASN A 94 -29.33 25.35 -4.08
N SER A 95 -30.43 25.96 -3.67
CA SER A 95 -31.77 25.71 -4.20
C SER A 95 -32.48 27.02 -4.51
N PRO A 96 -33.60 26.97 -5.23
CA PRO A 96 -34.35 28.21 -5.48
C PRO A 96 -34.84 28.90 -4.22
N ASP A 97 -34.81 28.24 -3.06
CA ASP A 97 -35.30 28.81 -1.82
C ASP A 97 -34.24 28.92 -0.72
N GLY A 98 -32.97 28.70 -1.04
CA GLY A 98 -31.95 28.79 -0.01
C GLY A 98 -30.59 28.45 -0.57
N ASN A 99 -29.61 28.53 0.31
CA ASN A 99 -28.24 28.18 -0.03
C ASN A 99 -27.52 27.77 1.26
N THR A 100 -27.94 26.65 1.85
CA THR A 100 -27.56 26.27 3.21
C THR A 100 -26.33 25.38 3.20
N ASP A 101 -25.23 25.87 3.76
CA ASP A 101 -24.06 25.02 3.95
C ASP A 101 -24.39 23.87 4.88
N SER A 102 -23.76 22.73 4.64
CA SER A 102 -24.10 21.49 5.34
C SER A 102 -22.98 21.05 6.26
N SER A 103 -23.33 20.74 7.51
CA SER A 103 -22.45 20.01 8.41
C SER A 103 -22.83 18.54 8.53
N ALA A 104 -23.71 18.06 7.66
CA ALA A 104 -24.29 16.74 7.80
C ALA A 104 -23.32 15.65 7.38
N LEU A 105 -23.46 14.48 8.04
CA LEU A 105 -22.83 13.24 7.61
C LEU A 105 -23.92 12.20 7.44
N ASP A 106 -23.96 11.57 6.27
CA ASP A 106 -24.98 10.58 5.94
C ASP A 106 -24.31 9.35 5.36
N CYS A 107 -24.90 8.19 5.64
CA CYS A 107 -24.26 6.90 5.41
C CYS A 107 -25.16 5.99 4.59
N TYR A 108 -24.63 5.47 3.49
CA TYR A 108 -25.37 4.60 2.58
C TYR A 108 -24.87 3.17 2.69
N ASN A 109 -25.79 2.24 2.96
CA ASN A 109 -25.44 0.82 2.95
C ASN A 109 -25.87 0.22 1.63
N PRO A 110 -24.94 -0.28 0.80
CA PRO A 110 -25.37 -0.91 -0.45
C PRO A 110 -26.21 -2.16 -0.23
N MET A 111 -26.02 -2.82 0.92
CA MET A 111 -26.80 -4.02 1.26
C MET A 111 -28.27 -3.69 1.45
N THR A 112 -28.58 -2.47 1.86
CA THR A 112 -29.93 -2.08 2.25
C THR A 112 -30.53 -1.01 1.36
N ASN A 113 -29.73 -0.31 0.56
CA ASN A 113 -30.18 0.80 -0.28
C ASN A 113 -30.83 1.91 0.55
N GLN A 114 -30.38 2.09 1.79
CA GLN A 114 -30.90 3.12 2.68
C GLN A 114 -29.80 4.10 3.05
N TRP A 115 -30.15 5.39 3.03
CA TRP A 115 -29.33 6.42 3.64
C TRP A 115 -29.70 6.53 5.11
N SER A 116 -28.67 6.66 5.96
CA SER A 116 -28.87 6.81 7.39
C SER A 116 -28.09 8.04 7.86
N PRO A 117 -28.73 8.99 8.53
CA PRO A 117 -27.99 10.14 9.05
C PRO A 117 -27.06 9.74 10.19
N CYS A 118 -25.94 10.44 10.28
CA CYS A 118 -24.96 10.25 11.35
C CYS A 118 -24.81 11.56 12.10
N ALA A 119 -23.96 11.55 13.13
CA ALA A 119 -23.69 12.76 13.88
C ALA A 119 -23.10 13.82 12.94
N PRO A 120 -23.44 15.09 13.11
CA PRO A 120 -22.93 16.12 12.21
C PRO A 120 -21.59 16.67 12.67
N MET A 121 -20.87 17.27 11.71
CA MET A 121 -19.60 17.91 12.00
C MET A 121 -19.80 19.11 12.92
N SER A 122 -18.68 19.61 13.46
CA SER A 122 -18.73 20.76 14.35
C SER A 122 -19.20 22.03 13.62
N VAL A 123 -18.93 22.11 12.32
CA VAL A 123 -19.27 23.30 11.50
C VAL A 123 -19.67 22.83 10.11
N PRO A 124 -20.45 23.65 9.41
CA PRO A 124 -20.74 23.35 7.99
C PRO A 124 -19.48 23.48 7.15
N ARG A 125 -19.38 22.63 6.12
CA ARG A 125 -18.18 22.62 5.27
C ARG A 125 -18.61 22.41 3.81
N ASN A 126 -18.85 23.51 3.11
CA ASN A 126 -19.04 23.46 1.67
C ASN A 126 -17.68 23.41 0.97
N ARG A 127 -17.58 22.62 -0.10
CA ARG A 127 -16.34 22.42 -0.86
C ARG A 127 -15.25 21.84 0.05
N ILE A 128 -15.68 20.84 0.81
CA ILE A 128 -14.85 20.07 1.74
C ILE A 128 -13.95 19.11 0.98
N GLY A 129 -12.86 18.69 1.64
CA GLY A 129 -12.10 17.52 1.22
C GLY A 129 -12.12 16.51 2.35
N VAL A 130 -12.11 15.21 1.99
CA VAL A 130 -12.08 14.16 3.00
C VAL A 130 -11.09 13.08 2.60
N GLY A 131 -10.45 12.49 3.62
CA GLY A 131 -9.66 11.29 3.44
C GLY A 131 -9.90 10.33 4.60
N VAL A 132 -9.58 9.06 4.38
CA VAL A 132 -9.85 8.01 5.37
C VAL A 132 -8.54 7.38 5.82
N ILE A 133 -8.31 7.37 7.13
CA ILE A 133 -7.14 6.72 7.74
C ILE A 133 -7.62 5.83 8.87
N ASP A 134 -7.26 4.53 8.82
CA ASP A 134 -7.55 3.56 9.87
C ASP A 134 -9.04 3.59 10.25
N GLY A 135 -9.89 3.50 9.24
CA GLY A 135 -11.33 3.53 9.46
C GLY A 135 -11.90 4.81 10.01
N HIS A 136 -11.12 5.89 10.08
CA HIS A 136 -11.58 7.20 10.53
C HIS A 136 -11.70 8.17 9.35
N ILE A 137 -12.74 9.01 9.39
CA ILE A 137 -13.02 9.96 8.32
C ILE A 137 -12.53 11.33 8.76
N TYR A 138 -11.64 11.92 7.96
CA TYR A 138 -11.12 13.26 8.22
C TYR A 138 -11.85 14.27 7.34
N ALA A 139 -12.32 15.34 7.94
CA ALA A 139 -13.02 16.41 7.23
C ALA A 139 -12.12 17.63 7.21
N VAL A 140 -11.80 18.12 6.01
CA VAL A 140 -10.72 19.08 5.82
C VAL A 140 -11.26 20.36 5.19
N GLY A 141 -11.14 21.48 5.90
CA GLY A 141 -11.39 22.79 5.30
C GLY A 141 -12.84 22.99 4.88
N GLY A 142 -13.03 23.59 3.72
CA GLY A 142 -14.36 23.97 3.29
C GLY A 142 -14.76 25.32 3.83
N SER A 143 -15.94 25.77 3.41
CA SER A 143 -16.42 27.09 3.75
C SER A 143 -17.77 27.04 4.44
N HIS A 144 -18.04 28.07 5.24
CA HIS A 144 -19.36 28.32 5.80
C HIS A 144 -19.64 29.81 5.61
N GLY A 145 -20.46 30.15 4.62
CA GLY A 145 -20.65 31.55 4.31
C GLY A 145 -19.32 32.12 3.85
N CYS A 146 -18.89 33.24 4.46
CA CYS A 146 -17.61 33.88 4.15
CA CYS A 146 -17.61 33.82 4.07
C CYS A 146 -16.42 33.24 4.84
N ILE A 147 -16.66 32.33 5.78
CA ILE A 147 -15.57 31.74 6.57
C ILE A 147 -14.92 30.62 5.76
N HIS A 148 -13.61 30.72 5.55
CA HIS A 148 -12.85 29.68 4.87
C HIS A 148 -12.06 28.91 5.93
N HIS A 149 -12.44 27.65 6.16
CA HIS A 149 -11.91 26.92 7.31
C HIS A 149 -10.47 26.47 7.07
N ASN A 150 -9.65 26.58 8.12
CA ASN A 150 -8.45 25.75 8.22
C ASN A 150 -8.63 24.57 9.17
N SER A 151 -9.75 24.51 9.87
CA SER A 151 -9.97 23.45 10.85
C SER A 151 -10.16 22.09 10.17
N VAL A 152 -9.84 21.04 10.92
CA VAL A 152 -9.97 19.65 10.51
C VAL A 152 -10.62 18.88 11.66
N GLU A 153 -11.47 17.92 11.35
CA GLU A 153 -12.04 17.04 12.37
C GLU A 153 -12.13 15.62 11.85
N ARG A 154 -12.38 14.69 12.78
CA ARG A 154 -12.19 13.27 12.57
C ARG A 154 -13.38 12.51 13.12
N TYR A 155 -13.92 11.61 12.31
CA TYR A 155 -15.10 10.83 12.66
C TYR A 155 -14.75 9.37 12.86
N GLU A 156 -15.37 8.74 13.86
CA GLU A 156 -15.20 7.30 14.08
C GLU A 156 -16.53 6.59 13.90
N PRO A 157 -16.69 5.78 12.84
CA PRO A 157 -18.00 5.16 12.60
C PRO A 157 -18.48 4.29 13.75
N GLU A 158 -17.57 3.56 14.41
CA GLU A 158 -17.97 2.66 15.48
C GLU A 158 -18.62 3.42 16.63
N ARG A 159 -18.16 4.64 16.90
CA ARG A 159 -18.73 5.43 17.98
C ARG A 159 -19.63 6.56 17.49
N ASP A 160 -19.62 6.85 16.18
CA ASP A 160 -20.53 7.81 15.54
C ASP A 160 -20.38 9.19 16.16
N GLU A 161 -19.15 9.71 16.09
CA GLU A 161 -18.92 10.98 16.75
C GLU A 161 -17.68 11.65 16.18
N TRP A 162 -17.67 12.99 16.21
CA TRP A 162 -16.64 13.83 15.62
C TRP A 162 -15.77 14.45 16.71
N HIS A 163 -14.49 14.69 16.41
CA HIS A 163 -13.65 15.55 17.24
C HIS A 163 -12.69 16.39 16.41
N LEU A 164 -12.37 17.56 16.96
CA LEU A 164 -11.44 18.48 16.36
C LEU A 164 -10.00 17.98 16.52
N VAL A 165 -9.25 17.97 15.43
CA VAL A 165 -7.82 17.71 15.48
C VAL A 165 -7.11 19.00 15.08
N ALA A 166 -5.81 18.91 14.77
CA ALA A 166 -5.04 20.12 14.51
C ALA A 166 -5.44 20.78 13.19
N PRO A 167 -5.49 22.11 13.14
CA PRO A 167 -5.86 22.80 11.90
C PRO A 167 -4.69 22.91 10.93
N MET A 168 -5.04 22.97 9.65
CA MET A 168 -4.04 23.17 8.61
C MET A 168 -3.31 24.49 8.82
N LEU A 169 -2.15 24.61 8.16
CA LEU A 169 -1.42 25.87 8.09
C LEU A 169 -2.13 26.91 7.23
N THR A 170 -3.14 26.49 6.46
CA THR A 170 -3.71 27.32 5.42
C THR A 170 -5.22 27.13 5.41
N ARG A 171 -5.96 28.21 5.23
CA ARG A 171 -7.39 28.11 4.97
C ARG A 171 -7.58 27.59 3.55
N ARG A 172 -8.41 26.55 3.39
CA ARG A 172 -8.56 25.93 2.07
C ARG A 172 -9.98 25.45 1.85
N ILE A 173 -10.61 25.97 0.81
CA ILE A 173 -11.85 25.39 0.30
C ILE A 173 -11.56 24.93 -1.12
N GLY A 174 -12.38 24.00 -1.61
CA GLY A 174 -12.05 23.38 -2.87
C GLY A 174 -10.76 22.61 -2.80
N VAL A 175 -10.47 22.04 -1.64
CA VAL A 175 -9.19 21.39 -1.35
C VAL A 175 -9.31 19.92 -1.75
N GLY A 176 -8.24 19.39 -2.34
CA GLY A 176 -8.17 17.99 -2.68
C GLY A 176 -7.41 17.27 -1.59
N VAL A 177 -7.86 16.06 -1.26
CA VAL A 177 -7.36 15.33 -0.11
C VAL A 177 -7.11 13.89 -0.50
N ALA A 178 -5.96 13.36 -0.12
CA ALA A 178 -5.68 11.96 -0.39
C ALA A 178 -4.85 11.40 0.76
N VAL A 179 -4.85 10.07 0.88
CA VAL A 179 -4.14 9.39 1.95
C VAL A 179 -3.13 8.45 1.31
N LEU A 180 -1.87 8.57 1.73
CA LEU A 180 -0.79 7.73 1.23
C LEU A 180 0.02 7.26 2.42
N ASN A 181 0.09 5.95 2.62
CA ASN A 181 0.89 5.33 3.68
C ASN A 181 0.56 5.95 5.03
N ARG A 182 -0.73 5.96 5.35
CA ARG A 182 -1.25 6.46 6.63
C ARG A 182 -0.88 7.91 6.90
N LEU A 183 -0.69 8.71 5.83
CA LEU A 183 -0.47 10.14 5.92
C LEU A 183 -1.51 10.84 5.05
N LEU A 184 -2.03 11.98 5.54
CA LEU A 184 -3.11 12.69 4.86
C LEU A 184 -2.59 13.97 4.24
N TYR A 185 -2.92 14.19 2.97
CA TYR A 185 -2.41 15.34 2.21
C TYR A 185 -3.57 16.25 1.85
N ALA A 186 -3.37 17.55 2.05
CA ALA A 186 -4.31 18.59 1.67
C ALA A 186 -3.64 19.40 0.58
N VAL A 187 -4.27 19.49 -0.59
CA VAL A 187 -3.61 19.90 -1.83
C VAL A 187 -4.40 21.03 -2.49
N GLY A 188 -3.73 22.14 -2.76
CA GLY A 188 -4.37 23.25 -3.46
C GLY A 188 -5.56 23.80 -2.72
N GLY A 189 -6.49 24.36 -3.47
CA GLY A 189 -7.66 24.96 -2.89
C GLY A 189 -7.65 26.47 -3.01
N PHE A 190 -8.49 27.10 -2.21
CA PHE A 190 -8.75 28.54 -2.26
C PHE A 190 -8.84 29.05 -0.83
N ASP A 191 -8.10 30.13 -0.52
CA ASP A 191 -8.11 30.65 0.85
C ASP A 191 -9.04 31.83 1.04
N GLY A 192 -9.76 32.25 0.00
CA GLY A 192 -10.60 33.44 0.04
C GLY A 192 -10.16 34.51 -0.95
N THR A 193 -8.89 34.59 -1.21
CA THR A 193 -8.31 35.54 -2.14
C THR A 193 -7.39 34.90 -3.15
N ASN A 194 -6.56 33.95 -2.70
CA ASN A 194 -5.57 33.30 -3.54
C ASN A 194 -5.97 31.84 -3.74
N ARG A 195 -5.92 31.39 -4.98
CA ARG A 195 -5.90 29.97 -5.24
C ARG A 195 -4.47 29.47 -5.03
N LEU A 196 -4.36 28.20 -4.64
CA LEU A 196 -3.16 27.68 -4.01
C LEU A 196 -2.56 26.59 -4.87
N ASN A 197 -1.23 26.60 -4.98
CA ASN A 197 -0.49 25.44 -5.44
C ASN A 197 0.19 24.71 -4.29
N SER A 198 0.07 25.23 -3.07
CA SER A 198 0.72 24.61 -1.93
C SER A 198 0.01 23.31 -1.54
N ALA A 199 0.76 22.44 -0.88
CA ALA A 199 0.20 21.25 -0.28
C ALA A 199 0.85 21.08 1.08
N GLU A 200 0.10 20.46 1.99
CA GLU A 200 0.59 20.16 3.33
C GLU A 200 0.14 18.76 3.71
N CYS A 201 0.86 18.18 4.65
CA CYS A 201 0.70 16.77 5.01
C CYS A 201 0.38 16.68 6.48
N TYR A 202 -0.60 15.83 6.83
CA TYR A 202 -0.97 15.61 8.21
C TYR A 202 -0.38 14.29 8.70
N TYR A 203 0.26 14.34 9.88
CA TYR A 203 0.84 13.17 10.52
C TYR A 203 -0.06 12.71 11.67
N PRO A 204 -0.86 11.67 11.49
CA PRO A 204 -1.83 11.30 12.53
C PRO A 204 -1.18 10.89 13.85
N GLU A 205 -0.02 10.23 13.79
CA GLU A 205 0.69 9.83 15.00
C GLU A 205 1.05 11.03 15.88
N ARG A 206 1.05 12.22 15.30
CA ARG A 206 1.75 13.36 15.86
C ARG A 206 0.90 14.62 15.87
N ASN A 207 -0.18 14.65 15.09
CA ASN A 207 -1.10 15.79 15.01
C ASN A 207 -0.32 17.07 14.71
N GLU A 208 0.32 17.08 13.54
CA GLU A 208 1.04 18.24 13.04
C GLU A 208 0.88 18.29 11.53
N TRP A 209 0.66 19.50 11.01
CA TRP A 209 0.66 19.73 9.58
C TRP A 209 2.02 20.29 9.15
N ARG A 210 2.56 19.72 8.09
CA ARG A 210 3.83 20.18 7.53
C ARG A 210 3.61 20.51 6.06
N MET A 211 4.05 21.70 5.66
CA MET A 211 4.06 22.06 4.24
C MET A 211 4.99 21.11 3.48
N ILE A 212 4.66 20.82 2.23
CA ILE A 212 5.56 20.05 1.37
C ILE A 212 5.88 20.85 0.12
N THR A 213 6.54 20.23 -0.85
CA THR A 213 6.82 20.93 -2.10
C THR A 213 5.51 21.30 -2.78
N ALA A 214 5.40 22.55 -3.23
CA ALA A 214 4.20 22.99 -3.90
C ALA A 214 4.07 22.37 -5.30
N MET A 215 2.84 22.23 -5.76
CA MET A 215 2.61 21.78 -7.13
C MET A 215 3.17 22.78 -8.12
N ASN A 216 3.40 22.29 -9.34
CA ASN A 216 3.80 23.20 -10.41
C ASN A 216 2.66 24.13 -10.79
N THR A 217 1.42 23.71 -10.60
CA THR A 217 0.25 24.47 -11.06
C THR A 217 -0.62 24.85 -9.88
N ILE A 218 -1.15 26.07 -9.90
CA ILE A 218 -2.16 26.47 -8.92
C ILE A 218 -3.47 25.79 -9.26
N ARG A 219 -4.10 25.15 -8.27
CA ARG A 219 -5.28 24.34 -8.54
C ARG A 219 -6.27 24.46 -7.39
N SER A 220 -7.46 24.98 -7.66
CA SER A 220 -8.56 24.89 -6.74
C SER A 220 -9.65 24.05 -7.41
N GLY A 221 -10.33 23.23 -6.61
CA GLY A 221 -11.33 22.34 -7.19
C GLY A 221 -10.76 21.32 -8.13
N ALA A 222 -9.54 20.86 -7.88
CA ALA A 222 -9.00 19.74 -8.64
C ALA A 222 -9.59 18.43 -8.13
N GLY A 223 -9.35 17.36 -8.88
CA GLY A 223 -9.58 16.03 -8.37
C GLY A 223 -8.27 15.51 -7.83
N VAL A 224 -8.29 15.05 -6.58
CA VAL A 224 -7.07 14.59 -5.91
C VAL A 224 -7.30 13.17 -5.37
N CYS A 225 -6.41 12.25 -5.73
CA CYS A 225 -6.51 10.86 -5.31
C CYS A 225 -5.11 10.29 -5.19
N VAL A 226 -5.00 9.05 -4.73
CA VAL A 226 -3.73 8.33 -4.71
C VAL A 226 -3.83 7.13 -5.63
N LEU A 227 -2.87 7.00 -6.54
CA LEU A 227 -2.77 5.84 -7.42
C LEU A 227 -1.36 5.28 -7.29
N HIS A 228 -1.26 4.05 -6.82
CA HIS A 228 0.00 3.38 -6.52
C HIS A 228 0.66 4.17 -5.40
N ASN A 229 1.89 4.66 -5.55
CA ASN A 229 2.55 5.39 -4.47
C ASN A 229 2.68 6.87 -4.79
N CYS A 230 1.73 7.43 -5.56
CA CYS A 230 1.75 8.84 -5.90
C CYS A 230 0.43 9.49 -5.54
N ILE A 231 0.50 10.79 -5.29
CA ILE A 231 -0.68 11.64 -5.11
C ILE A 231 -0.93 12.35 -6.43
N TYR A 232 -2.10 12.15 -7.02
CA TYR A 232 -2.41 12.78 -8.29
C TYR A 232 -3.29 13.99 -8.05
N ALA A 233 -3.04 15.05 -8.82
CA ALA A 233 -3.91 16.22 -8.83
C ALA A 233 -4.31 16.45 -10.29
N ALA A 234 -5.61 16.29 -10.58
CA ALA A 234 -6.13 16.41 -11.93
C ALA A 234 -7.01 17.63 -12.07
N GLY A 235 -6.76 18.44 -13.11
CA GLY A 235 -7.60 19.59 -13.39
C GLY A 235 -7.61 20.61 -12.27
N GLY A 236 -8.76 21.26 -12.12
CA GLY A 236 -8.93 22.36 -11.21
C GLY A 236 -9.01 23.68 -11.95
N TYR A 237 -9.01 24.74 -11.17
CA TYR A 237 -9.14 26.09 -11.69
C TYR A 237 -8.01 26.92 -11.08
N ASP A 238 -7.30 27.68 -11.92
CA ASP A 238 -6.13 28.41 -11.44
C ASP A 238 -6.38 29.89 -11.23
N GLY A 239 -7.64 30.32 -11.22
CA GLY A 239 -7.98 31.73 -11.14
C GLY A 239 -8.23 32.38 -12.48
N GLN A 240 -7.89 31.72 -13.56
CA GLN A 240 -8.11 32.23 -14.91
C GLN A 240 -8.72 31.19 -15.84
N ASP A 241 -8.24 29.95 -15.80
CA ASP A 241 -8.72 28.91 -16.69
C ASP A 241 -8.97 27.63 -15.91
N GLN A 242 -9.99 26.88 -16.32
CA GLN A 242 -10.06 25.47 -15.95
C GLN A 242 -8.92 24.71 -16.63
N LEU A 243 -8.44 23.67 -15.96
CA LEU A 243 -7.21 22.98 -16.37
C LEU A 243 -7.52 21.56 -16.84
N ASN A 244 -6.80 21.12 -17.87
CA ASN A 244 -6.79 19.71 -18.18
C ASN A 244 -5.51 19.02 -17.72
N SER A 245 -4.52 19.78 -17.26
CA SER A 245 -3.26 19.17 -16.85
C SER A 245 -3.43 18.35 -15.59
N VAL A 246 -2.50 17.42 -15.41
CA VAL A 246 -2.54 16.44 -14.33
C VAL A 246 -1.11 16.21 -13.89
N GLU A 247 -0.85 16.32 -12.59
CA GLU A 247 0.47 16.07 -12.06
C GLU A 247 0.37 15.12 -10.87
N ARG A 248 1.50 14.51 -10.53
CA ARG A 248 1.54 13.55 -9.44
C ARG A 248 2.78 13.76 -8.60
N TYR A 249 2.62 13.52 -7.31
CA TYR A 249 3.66 13.74 -6.31
C TYR A 249 4.27 12.41 -5.91
N ASP A 250 5.59 12.31 -6.01
CA ASP A 250 6.35 11.14 -5.60
C ASP A 250 6.91 11.39 -4.21
N VAL A 251 6.36 10.70 -3.21
CA VAL A 251 6.70 11.01 -1.82
C VAL A 251 8.19 10.81 -1.57
N ALA A 252 8.79 9.82 -2.22
CA ALA A 252 10.21 9.53 -2.01
C ALA A 252 11.08 10.71 -2.44
N THR A 253 10.81 11.28 -3.62
CA THR A 253 11.62 12.37 -4.16
C THR A 253 11.08 13.74 -3.83
N ALA A 254 9.91 13.83 -3.19
CA ALA A 254 9.26 15.10 -2.85
C ALA A 254 9.15 16.00 -4.07
N THR A 255 8.72 15.40 -5.18
CA THR A 255 8.71 16.05 -6.49
C THR A 255 7.35 15.87 -7.15
N TRP A 256 6.83 16.95 -7.72
CA TRP A 256 5.64 16.88 -8.56
C TRP A 256 6.09 16.81 -10.01
N THR A 257 5.54 15.85 -10.77
CA THR A 257 5.83 15.74 -12.19
C THR A 257 4.53 15.62 -12.98
N PHE A 258 4.48 16.27 -14.13
CA PHE A 258 3.29 16.20 -14.98
C PHE A 258 3.15 14.82 -15.62
N VAL A 259 1.91 14.37 -15.79
CA VAL A 259 1.61 13.23 -16.64
C VAL A 259 0.75 13.69 -17.81
N ALA A 260 0.13 12.75 -18.52
CA ALA A 260 -0.69 13.12 -19.67
C ALA A 260 -1.94 13.90 -19.23
N PRO A 261 -2.31 14.95 -19.94
CA PRO A 261 -3.48 15.74 -19.57
C PRO A 261 -4.78 15.06 -19.98
N MET A 262 -5.86 15.46 -19.29
CA MET A 262 -7.19 15.01 -19.67
C MET A 262 -7.62 15.67 -20.98
N LYS A 263 -8.63 15.07 -21.62
CA LYS A 263 -9.19 15.67 -22.83
C LYS A 263 -9.81 17.02 -22.54
N HIS A 264 -10.61 17.09 -21.48
CA HIS A 264 -11.50 18.21 -21.22
C HIS A 264 -11.06 18.89 -19.93
N ARG A 265 -10.76 20.18 -20.02
CA ARG A 265 -10.54 20.99 -18.83
C ARG A 265 -11.76 20.89 -17.91
N ARG A 266 -11.50 20.83 -16.60
CA ARG A 266 -12.59 20.71 -15.65
C ARG A 266 -12.10 21.08 -14.25
N SER A 267 -13.00 21.68 -13.48
CA SER A 267 -12.85 21.87 -12.05
C SER A 267 -14.12 21.39 -11.36
N ALA A 268 -14.05 21.21 -10.04
CA ALA A 268 -15.20 20.70 -9.27
C ALA A 268 -15.63 19.34 -9.80
N LEU A 269 -14.66 18.53 -10.18
CA LEU A 269 -14.90 17.19 -10.68
C LEU A 269 -14.85 16.18 -9.55
N GLY A 270 -15.52 15.05 -9.75
CA GLY A 270 -15.34 13.91 -8.89
C GLY A 270 -14.20 13.04 -9.41
N ILE A 271 -13.58 12.29 -8.51
CA ILE A 271 -12.43 11.48 -8.88
C ILE A 271 -12.35 10.27 -7.94
N THR A 272 -11.93 9.13 -8.49
CA THR A 272 -11.68 7.96 -7.67
C THR A 272 -10.79 6.99 -8.43
N VAL A 273 -10.25 6.03 -7.69
CA VAL A 273 -9.41 4.97 -8.23
C VAL A 273 -10.26 3.71 -8.31
N HIS A 274 -10.29 3.06 -9.47
CA HIS A 274 -10.93 1.76 -9.58
C HIS A 274 -10.06 0.83 -10.41
N GLN A 275 -9.68 -0.31 -9.83
CA GLN A 275 -8.88 -1.33 -10.51
C GLN A 275 -7.59 -0.75 -11.06
N GLY A 276 -6.89 0.01 -10.21
CA GLY A 276 -5.64 0.63 -10.60
C GLY A 276 -5.74 1.61 -11.73
N ARG A 277 -6.91 2.23 -11.94
CA ARG A 277 -7.07 3.29 -12.91
C ARG A 277 -7.86 4.44 -12.29
N ILE A 278 -7.59 5.66 -12.77
CA ILE A 278 -8.21 6.87 -12.22
C ILE A 278 -9.39 7.25 -13.09
N TYR A 279 -10.55 7.47 -12.47
CA TYR A 279 -11.71 7.99 -13.17
C TYR A 279 -12.01 9.40 -12.67
N VAL A 280 -12.27 10.32 -13.60
CA VAL A 280 -12.78 11.65 -13.28
C VAL A 280 -14.19 11.79 -13.83
N LEU A 281 -15.07 12.42 -13.05
CA LEU A 281 -16.51 12.43 -13.34
C LEU A 281 -17.00 13.86 -13.35
N GLY A 282 -17.51 14.31 -14.50
CA GLY A 282 -18.18 15.59 -14.62
C GLY A 282 -17.28 16.78 -14.27
N GLY A 283 -17.89 17.78 -13.65
CA GLY A 283 -17.23 19.03 -13.36
C GLY A 283 -17.79 20.15 -14.21
N TYR A 284 -17.14 21.29 -14.09
CA TYR A 284 -17.51 22.53 -14.77
C TYR A 284 -16.28 23.06 -15.50
N ASP A 285 -16.45 23.52 -16.74
CA ASP A 285 -15.32 23.96 -17.54
C ASP A 285 -15.34 25.46 -17.81
N GLY A 286 -16.15 26.21 -17.07
CA GLY A 286 -16.29 27.64 -17.30
C GLY A 286 -17.59 28.02 -17.97
N HIS A 287 -18.31 27.07 -18.55
CA HIS A 287 -19.56 27.37 -19.23
C HIS A 287 -20.52 26.21 -19.11
N THR A 288 -20.01 24.99 -19.25
CA THR A 288 -20.80 23.79 -19.39
C THR A 288 -20.61 22.88 -18.18
N PHE A 289 -21.69 22.23 -17.75
CA PHE A 289 -21.62 21.20 -16.73
C PHE A 289 -21.41 19.85 -17.40
N LEU A 290 -20.27 19.21 -17.12
CA LEU A 290 -19.83 18.07 -17.90
C LEU A 290 -20.52 16.79 -17.45
N ASP A 291 -20.88 15.94 -18.41
CA ASP A 291 -21.19 14.55 -18.10
C ASP A 291 -20.05 13.63 -18.49
N SER A 292 -19.01 14.17 -19.13
CA SER A 292 -17.86 13.38 -19.54
C SER A 292 -17.22 12.65 -18.37
N VAL A 293 -16.88 11.40 -18.60
CA VAL A 293 -16.08 10.60 -17.69
C VAL A 293 -14.84 10.12 -18.45
N GLU A 294 -13.66 10.49 -17.96
CA GLU A 294 -12.40 10.05 -18.53
C GLU A 294 -11.71 9.09 -17.57
N CYS A 295 -10.85 8.24 -18.13
CA CYS A 295 -10.14 7.22 -17.37
C CYS A 295 -8.67 7.26 -17.73
N TYR A 296 -7.82 7.32 -16.70
CA TYR A 296 -6.38 7.37 -16.88
C TYR A 296 -5.79 6.00 -16.65
N ASP A 297 -5.03 5.51 -17.64
CA ASP A 297 -4.29 4.26 -17.48
C ASP A 297 -2.84 4.59 -17.20
N PRO A 298 -2.31 4.27 -16.03
CA PRO A 298 -0.92 4.65 -15.73
C PRO A 298 0.10 3.93 -16.59
N ASP A 299 -0.13 2.65 -16.91
CA ASP A 299 0.85 1.90 -17.69
C ASP A 299 1.08 2.53 -19.06
N THR A 300 0.00 3.02 -19.69
CA THR A 300 0.09 3.66 -20.99
C THR A 300 0.15 5.18 -20.93
N ASP A 301 -0.11 5.79 -19.77
CA ASP A 301 -0.12 7.25 -19.63
C ASP A 301 -1.08 7.88 -20.65
N THR A 302 -2.31 7.40 -20.65
CA THR A 302 -3.30 7.90 -21.59
C THR A 302 -4.66 7.99 -20.92
N TRP A 303 -5.44 8.99 -21.34
CA TRP A 303 -6.83 9.16 -20.93
C TRP A 303 -7.75 8.72 -22.05
N SER A 304 -8.82 8.02 -21.69
CA SER A 304 -9.82 7.56 -22.63
C SER A 304 -11.21 7.89 -22.09
N GLU A 305 -12.07 8.44 -22.93
CA GLU A 305 -13.44 8.74 -22.53
C GLU A 305 -14.20 7.43 -22.32
N VAL A 306 -14.57 7.14 -21.08
CA VAL A 306 -15.08 5.83 -20.70
C VAL A 306 -16.59 5.74 -20.82
N THR A 307 -17.29 6.80 -20.51
CA THR A 307 -18.76 6.80 -20.46
C THR A 307 -19.20 8.25 -20.34
N ARG A 308 -20.50 8.45 -20.12
CA ARG A 308 -21.04 9.73 -19.74
C ARG A 308 -22.00 9.51 -18.57
N MET A 309 -21.98 10.43 -17.61
CA MET A 309 -23.02 10.40 -16.60
C MET A 309 -24.38 10.65 -17.25
N THR A 310 -25.44 10.20 -16.58
CA THR A 310 -26.79 10.38 -17.10
C THR A 310 -27.12 11.85 -17.36
N SER A 311 -26.46 12.77 -16.66
CA SER A 311 -26.64 14.19 -16.91
C SER A 311 -25.42 14.91 -16.32
N GLY A 312 -25.10 16.07 -16.92
CA GLY A 312 -23.92 16.79 -16.51
C GLY A 312 -24.12 17.50 -15.20
N ARG A 313 -23.04 17.61 -14.42
CA ARG A 313 -23.11 18.15 -13.07
C ARG A 313 -21.68 18.36 -12.56
N SER A 314 -21.55 19.27 -11.59
CA SER A 314 -20.28 19.55 -10.91
C SER A 314 -20.44 19.27 -9.42
N GLY A 315 -19.31 19.23 -8.71
CA GLY A 315 -19.35 19.17 -7.24
C GLY A 315 -19.95 17.91 -6.65
N VAL A 316 -19.70 16.76 -7.26
CA VAL A 316 -20.20 15.49 -6.73
C VAL A 316 -19.25 14.95 -5.67
N GLY A 317 -19.71 13.96 -4.90
CA GLY A 317 -18.85 13.15 -4.06
C GLY A 317 -18.78 11.76 -4.67
N VAL A 318 -17.60 11.16 -4.65
CA VAL A 318 -17.35 9.90 -5.36
C VAL A 318 -16.58 8.95 -4.45
N ALA A 319 -16.89 7.66 -4.56
CA ALA A 319 -16.18 6.63 -3.81
C ALA A 319 -16.54 5.28 -4.44
N VAL A 320 -15.76 4.26 -4.09
CA VAL A 320 -15.91 2.92 -4.66
C VAL A 320 -16.20 1.93 -3.54
N THR A 321 -17.19 1.06 -3.79
CA THR A 321 -17.45 -0.08 -2.90
C THR A 321 -18.29 -1.14 -3.60
N GLY B 37 -6.88 -20.31 13.06
CA GLY B 37 -5.59 -20.71 13.59
C GLY B 37 -4.50 -20.77 12.54
N ARG B 38 -3.45 -19.96 12.70
CA ARG B 38 -2.33 -19.92 11.77
C ARG B 38 -1.08 -20.43 12.46
N LEU B 39 -0.22 -21.07 11.67
CA LEU B 39 1.00 -21.71 12.16
C LEU B 39 2.19 -21.13 11.41
N ILE B 40 3.36 -21.36 11.99
CA ILE B 40 4.63 -20.99 11.38
C ILE B 40 5.21 -22.21 10.67
N TYR B 41 5.23 -22.19 9.34
CA TYR B 41 5.72 -23.29 8.55
C TYR B 41 7.20 -23.10 8.24
N THR B 42 7.99 -24.14 8.42
CA THR B 42 9.39 -24.10 8.02
C THR B 42 9.65 -25.21 7.01
N ALA B 43 10.24 -24.85 5.86
CA ALA B 43 10.45 -25.79 4.76
C ALA B 43 11.93 -25.91 4.44
N GLY B 44 12.38 -27.16 4.25
CA GLY B 44 13.76 -27.37 3.85
C GLY B 44 14.77 -26.97 4.92
N GLY B 45 15.97 -26.63 4.45
CA GLY B 45 17.06 -26.23 5.33
C GLY B 45 18.30 -27.08 5.09
N TYR B 46 19.31 -26.88 5.94
CA TYR B 46 20.58 -27.60 5.82
C TYR B 46 21.07 -28.02 7.20
N PHE B 47 21.36 -29.32 7.34
CA PHE B 47 22.19 -29.83 8.43
C PHE B 47 22.94 -31.02 7.82
N ARG B 48 24.21 -30.79 7.51
CA ARG B 48 25.10 -31.74 6.86
C ARG B 48 24.71 -32.04 5.41
N GLN B 49 23.42 -32.08 5.10
CA GLN B 49 22.95 -32.10 3.72
C GLN B 49 21.67 -31.26 3.65
N SER B 50 21.20 -30.96 2.44
CA SER B 50 19.93 -30.28 2.33
C SER B 50 18.78 -31.17 2.82
N LEU B 51 17.73 -30.55 3.32
CA LEU B 51 16.66 -31.24 4.04
C LEU B 51 15.33 -31.12 3.30
N SER B 52 14.44 -32.09 3.53
CA SER B 52 13.10 -32.11 2.92
C SER B 52 11.98 -31.77 3.89
N TYR B 53 12.31 -31.44 5.15
CA TYR B 53 11.31 -31.26 6.19
C TYR B 53 10.32 -30.14 5.88
N LEU B 54 9.04 -30.40 6.13
CA LEU B 54 8.07 -29.34 6.33
C LEU B 54 7.47 -29.56 7.71
N GLU B 55 7.65 -28.57 8.58
CA GLU B 55 7.12 -28.62 9.94
C GLU B 55 6.44 -27.29 10.25
N ALA B 56 5.40 -27.33 11.09
CA ALA B 56 4.58 -26.16 11.40
C ALA B 56 4.53 -26.00 12.91
N TYR B 57 4.93 -24.83 13.39
CA TYR B 57 4.95 -24.53 14.82
C TYR B 57 3.68 -23.80 15.21
N ASN B 58 3.04 -24.24 16.32
CA ASN B 58 1.88 -23.56 16.84
C ASN B 58 2.30 -22.74 18.06
N PRO B 59 2.32 -21.40 17.97
CA PRO B 59 2.85 -20.61 19.10
C PRO B 59 2.01 -20.69 20.35
N SER B 60 0.72 -21.08 20.24
CA SER B 60 -0.15 -21.21 21.40
C SER B 60 0.09 -22.52 22.15
N ASP B 61 0.00 -23.66 21.45
CA ASP B 61 0.05 -24.93 22.16
C ASP B 61 1.43 -25.56 22.12
N GLY B 62 2.40 -24.90 21.47
CA GLY B 62 3.80 -25.26 21.46
C GLY B 62 4.22 -26.40 20.55
N THR B 63 3.28 -27.03 19.84
CA THR B 63 3.62 -28.24 19.08
C THR B 63 4.34 -27.91 17.78
N TRP B 64 5.13 -28.87 17.31
CA TRP B 64 5.64 -28.93 15.93
C TRP B 64 4.94 -30.06 15.19
N LEU B 65 4.24 -29.74 14.12
CA LEU B 65 3.52 -30.72 13.34
C LEU B 65 4.37 -31.12 12.14
N ARG B 66 4.59 -32.42 11.96
CA ARG B 66 5.36 -32.93 10.83
C ARG B 66 4.41 -33.13 9.65
N LEU B 67 4.72 -32.51 8.53
CA LEU B 67 3.83 -32.49 7.36
C LEU B 67 4.57 -33.11 6.15
N ALA B 68 3.92 -33.07 4.99
CA ALA B 68 4.48 -33.71 3.80
C ALA B 68 5.87 -33.17 3.44
N ASP B 69 6.81 -34.08 3.18
CA ASP B 69 8.15 -33.70 2.75
C ASP B 69 8.12 -32.95 1.42
N LEU B 70 9.01 -31.97 1.27
CA LEU B 70 9.30 -31.44 -0.06
C LEU B 70 9.63 -32.58 -1.01
N GLN B 71 9.32 -32.39 -2.30
CA GLN B 71 9.62 -33.47 -3.25
C GLN B 71 11.13 -33.62 -3.46
N VAL B 72 11.88 -32.53 -3.30
CA VAL B 72 13.33 -32.55 -3.43
C VAL B 72 13.93 -31.82 -2.23
N PRO B 73 14.97 -32.34 -1.59
CA PRO B 73 15.60 -31.60 -0.47
C PRO B 73 16.21 -30.27 -0.96
N ARG B 74 16.06 -29.23 -0.16
CA ARG B 74 16.49 -27.88 -0.56
C ARG B 74 16.91 -27.07 0.65
N SER B 75 18.04 -26.38 0.55
CA SER B 75 18.45 -25.36 1.49
C SER B 75 18.63 -24.05 0.74
N GLY B 76 18.68 -22.93 1.47
CA GLY B 76 18.84 -21.64 0.82
C GLY B 76 17.65 -21.21 -0.01
N LEU B 77 16.49 -21.78 0.24
CA LEU B 77 15.25 -21.41 -0.45
C LEU B 77 14.54 -20.31 0.32
N ALA B 78 13.44 -19.82 -0.22
CA ALA B 78 12.58 -18.91 0.50
C ALA B 78 11.16 -19.43 0.49
N GLY B 79 10.42 -19.11 1.55
CA GLY B 79 9.01 -19.43 1.64
C GLY B 79 8.16 -18.17 1.55
N CYS B 80 6.95 -18.30 1.00
CA CYS B 80 6.00 -17.21 1.05
C CYS B 80 4.61 -17.81 0.91
N VAL B 81 3.60 -16.97 1.12
CA VAL B 81 2.21 -17.42 1.09
C VAL B 81 1.44 -16.50 0.15
N VAL B 82 0.66 -17.09 -0.76
CA VAL B 82 -0.27 -16.36 -1.62
C VAL B 82 -1.57 -17.15 -1.66
N GLY B 83 -2.69 -16.47 -1.36
CA GLY B 83 -3.98 -17.15 -1.40
C GLY B 83 -4.07 -18.35 -0.49
N GLY B 84 -3.44 -18.27 0.68
CA GLY B 84 -3.49 -19.39 1.61
C GLY B 84 -2.57 -20.54 1.29
N LEU B 85 -1.80 -20.48 0.22
CA LEU B 85 -0.92 -21.56 -0.18
C LEU B 85 0.54 -21.19 0.11
N LEU B 86 1.30 -22.19 0.57
CA LEU B 86 2.72 -22.02 0.89
C LEU B 86 3.57 -22.36 -0.33
N TYR B 87 4.46 -21.46 -0.71
CA TYR B 87 5.37 -21.66 -1.83
C TYR B 87 6.79 -21.80 -1.33
N ALA B 88 7.51 -22.80 -1.84
CA ALA B 88 8.94 -22.94 -1.62
C ALA B 88 9.64 -22.54 -2.91
N VAL B 89 10.57 -21.58 -2.84
CA VAL B 89 11.15 -20.96 -4.02
C VAL B 89 12.66 -21.15 -4.03
N GLY B 90 13.19 -21.71 -5.11
CA GLY B 90 14.62 -21.69 -5.32
C GLY B 90 15.37 -22.62 -4.39
N GLY B 91 16.62 -22.27 -4.10
CA GLY B 91 17.44 -22.98 -3.15
C GLY B 91 18.49 -23.88 -3.80
N ARG B 92 18.89 -24.94 -3.12
CA ARG B 92 19.98 -25.79 -3.61
C ARG B 92 19.85 -27.14 -2.93
N ASN B 93 20.14 -28.21 -3.68
CA ASN B 93 20.19 -29.55 -3.08
C ASN B 93 21.65 -29.95 -2.91
N ASN B 94 22.14 -29.84 -1.67
CA ASN B 94 23.43 -30.38 -1.26
C ASN B 94 23.21 -31.79 -0.72
N SER B 95 23.64 -32.78 -1.47
CA SER B 95 23.40 -34.17 -1.10
C SER B 95 24.68 -34.96 -1.24
N PRO B 96 24.75 -36.16 -0.65
CA PRO B 96 25.90 -37.02 -0.92
C PRO B 96 26.09 -37.34 -2.40
N ASP B 97 24.99 -37.48 -3.15
CA ASP B 97 25.07 -37.87 -4.55
C ASP B 97 25.55 -36.74 -5.45
N GLY B 98 25.55 -35.50 -4.98
CA GLY B 98 25.85 -34.37 -5.83
C GLY B 98 25.15 -33.13 -5.33
N ASN B 99 25.51 -32.00 -5.93
CA ASN B 99 25.03 -30.69 -5.55
C ASN B 99 24.43 -29.98 -6.76
N THR B 100 23.28 -29.34 -6.56
CA THR B 100 22.60 -28.69 -7.66
C THR B 100 21.77 -27.52 -7.15
N ASP B 101 21.97 -26.35 -7.74
CA ASP B 101 21.05 -25.24 -7.46
C ASP B 101 19.69 -25.53 -8.10
N SER B 102 18.66 -24.84 -7.60
CA SER B 102 17.29 -25.13 -7.99
C SER B 102 16.58 -23.90 -8.50
N SER B 103 15.91 -24.02 -9.64
CA SER B 103 14.96 -23.01 -10.12
C SER B 103 13.53 -23.30 -9.71
N ALA B 104 13.29 -24.40 -9.00
CA ALA B 104 11.95 -24.92 -8.78
C ALA B 104 11.11 -23.99 -7.92
N LEU B 105 9.82 -23.96 -8.26
CA LEU B 105 8.77 -23.37 -7.44
C LEU B 105 7.77 -24.47 -7.14
N ASP B 106 7.50 -24.70 -5.85
CA ASP B 106 6.57 -25.74 -5.44
C ASP B 106 5.56 -25.17 -4.44
N CYS B 107 4.35 -25.71 -4.47
CA CYS B 107 3.21 -25.14 -3.76
C CYS B 107 2.64 -26.17 -2.79
N TYR B 108 2.47 -25.78 -1.53
CA TYR B 108 1.91 -26.65 -0.51
C TYR B 108 0.53 -26.16 -0.10
N ASN B 109 -0.47 -27.05 -0.18
CA ASN B 109 -1.84 -26.76 0.23
C ASN B 109 -2.10 -27.34 1.62
N PRO B 110 -2.26 -26.52 2.65
CA PRO B 110 -2.55 -27.09 3.98
C PRO B 110 -3.85 -27.87 4.02
N MET B 111 -4.81 -27.55 3.15
CA MET B 111 -6.08 -28.28 3.06
C MET B 111 -5.88 -29.74 2.71
N THR B 112 -4.86 -30.05 1.93
CA THR B 112 -4.64 -31.40 1.45
C THR B 112 -3.36 -32.03 1.97
N ASN B 113 -2.48 -31.27 2.60
CA ASN B 113 -1.15 -31.77 3.00
C ASN B 113 -0.39 -32.33 1.79
N GLN B 114 -0.54 -31.69 0.63
CA GLN B 114 0.14 -32.15 -0.58
C GLN B 114 0.93 -31.03 -1.24
N TRP B 115 2.11 -31.37 -1.76
CA TRP B 115 2.91 -30.46 -2.57
C TRP B 115 2.58 -30.65 -4.05
N SER B 116 2.59 -29.55 -4.81
CA SER B 116 2.39 -29.58 -6.26
C SER B 116 3.44 -28.73 -6.95
N PRO B 117 4.10 -29.24 -7.98
CA PRO B 117 5.06 -28.40 -8.70
C PRO B 117 4.38 -27.26 -9.43
N CYS B 118 5.11 -26.16 -9.56
CA CYS B 118 4.72 -25.03 -10.37
C CYS B 118 5.76 -24.86 -11.48
N ALA B 119 5.50 -23.89 -12.36
CA ALA B 119 6.48 -23.59 -13.40
C ALA B 119 7.75 -23.06 -12.74
N PRO B 120 8.93 -23.45 -13.22
CA PRO B 120 10.18 -23.02 -12.59
C PRO B 120 10.56 -21.61 -13.02
N MET B 121 11.47 -21.03 -12.21
CA MET B 121 12.04 -19.74 -12.58
C MET B 121 12.95 -19.90 -13.78
N SER B 122 13.30 -18.75 -14.39
CA SER B 122 14.18 -18.74 -15.55
C SER B 122 15.56 -19.28 -15.22
N VAL B 123 16.00 -19.22 -13.97
CA VAL B 123 17.37 -19.56 -13.62
C VAL B 123 17.35 -20.17 -12.22
N PRO B 124 18.25 -21.10 -11.86
CA PRO B 124 18.33 -21.50 -10.46
C PRO B 124 18.79 -20.34 -9.60
N ARG B 125 18.23 -20.24 -8.38
CA ARG B 125 18.62 -19.20 -7.42
C ARG B 125 18.77 -19.81 -6.03
N ASN B 126 20.02 -20.04 -5.64
CA ASN B 126 20.36 -20.46 -4.28
C ASN B 126 20.53 -19.22 -3.42
N ARG B 127 20.11 -19.29 -2.15
CA ARG B 127 20.17 -18.15 -1.23
CA ARG B 127 20.19 -18.14 -1.24
C ARG B 127 19.40 -16.95 -1.80
N ILE B 128 18.17 -17.24 -2.21
CA ILE B 128 17.24 -16.32 -2.83
C ILE B 128 16.53 -15.49 -1.76
N GLY B 129 15.97 -14.36 -2.17
CA GLY B 129 14.96 -13.65 -1.38
C GLY B 129 13.68 -13.49 -2.18
N VAL B 130 12.54 -13.52 -1.48
CA VAL B 130 11.26 -13.33 -2.18
C VAL B 130 10.38 -12.35 -1.42
N GLY B 131 9.49 -11.72 -2.19
CA GLY B 131 8.45 -10.87 -1.62
C GLY B 131 7.19 -11.03 -2.42
N VAL B 132 6.05 -10.71 -1.81
CA VAL B 132 4.75 -10.81 -2.47
C VAL B 132 4.13 -9.42 -2.60
N ILE B 133 3.67 -9.09 -3.80
CA ILE B 133 2.97 -7.84 -4.07
C ILE B 133 1.79 -8.12 -4.99
N ASP B 134 0.59 -7.70 -4.59
CA ASP B 134 -0.61 -7.86 -5.42
C ASP B 134 -0.79 -9.31 -5.88
N GLY B 135 -0.55 -10.26 -4.97
CA GLY B 135 -0.73 -11.65 -5.30
C GLY B 135 0.30 -12.28 -6.23
N HIS B 136 1.39 -11.59 -6.51
CA HIS B 136 2.47 -12.13 -7.32
C HIS B 136 3.72 -12.30 -6.49
N ILE B 137 4.51 -13.35 -6.81
CA ILE B 137 5.75 -13.63 -6.10
C ILE B 137 6.91 -13.01 -6.86
N TYR B 138 7.70 -12.19 -6.17
CA TYR B 138 8.91 -11.63 -6.74
C TYR B 138 10.09 -12.41 -6.21
N ALA B 139 10.92 -12.86 -7.12
CA ALA B 139 12.07 -13.63 -6.73
C ALA B 139 13.33 -12.85 -7.09
N VAL B 140 14.21 -12.71 -6.10
CA VAL B 140 15.24 -11.67 -6.12
C VAL B 140 16.62 -12.32 -5.93
N GLY B 141 17.51 -12.11 -6.89
CA GLY B 141 18.91 -12.39 -6.67
C GLY B 141 19.22 -13.87 -6.48
N GLY B 142 20.18 -14.16 -5.59
CA GLY B 142 20.62 -15.54 -5.38
C GLY B 142 21.68 -15.92 -6.39
N SER B 143 22.16 -17.18 -6.30
CA SER B 143 23.30 -17.62 -7.10
C SER B 143 22.95 -18.88 -7.89
N HIS B 144 23.71 -19.07 -8.97
CA HIS B 144 23.66 -20.29 -9.77
C HIS B 144 25.13 -20.63 -10.06
N GLY B 145 25.68 -21.59 -9.33
CA GLY B 145 27.11 -21.83 -9.48
C GLY B 145 27.86 -20.60 -9.01
N CYS B 146 28.75 -20.08 -9.87
CA CYS B 146 29.47 -18.86 -9.52
C CYS B 146 28.80 -17.61 -10.04
N ILE B 147 27.64 -17.73 -10.68
CA ILE B 147 26.90 -16.55 -11.13
C ILE B 147 26.13 -15.99 -9.95
N HIS B 148 26.33 -14.72 -9.66
CA HIS B 148 25.60 -14.01 -8.62
C HIS B 148 24.61 -13.09 -9.31
N HIS B 149 23.32 -13.34 -9.12
CA HIS B 149 22.29 -12.66 -9.91
C HIS B 149 22.02 -11.25 -9.42
N ASN B 150 21.88 -10.32 -10.36
CA ASN B 150 21.09 -9.12 -10.08
C ASN B 150 19.68 -9.23 -10.64
N SER B 151 19.37 -10.29 -11.37
CA SER B 151 18.08 -10.37 -12.02
C SER B 151 16.97 -10.65 -11.01
N VAL B 152 15.75 -10.32 -11.43
CA VAL B 152 14.54 -10.39 -10.64
C VAL B 152 13.42 -10.85 -11.55
N GLU B 153 12.57 -11.75 -11.06
CA GLU B 153 11.44 -12.19 -11.87
C GLU B 153 10.19 -12.34 -11.01
N ARG B 154 9.04 -12.35 -11.68
CA ARG B 154 7.73 -12.26 -11.06
C ARG B 154 6.86 -13.44 -11.47
N TYR B 155 6.25 -14.11 -10.50
CA TYR B 155 5.41 -15.27 -10.74
C TYR B 155 3.96 -14.87 -10.59
N GLU B 156 3.12 -15.27 -11.55
CA GLU B 156 1.70 -15.00 -11.50
C GLU B 156 0.97 -16.32 -11.26
N PRO B 157 0.42 -16.55 -10.07
CA PRO B 157 -0.17 -17.86 -9.79
C PRO B 157 -1.35 -18.21 -10.69
N GLU B 158 -2.10 -17.20 -11.16
CA GLU B 158 -3.29 -17.50 -11.96
C GLU B 158 -2.92 -18.02 -13.35
N ARG B 159 -1.75 -17.67 -13.86
CA ARG B 159 -1.29 -18.15 -15.16
C ARG B 159 -0.17 -19.17 -15.08
N ASP B 160 0.35 -19.47 -13.89
CA ASP B 160 1.52 -20.35 -13.69
C ASP B 160 2.66 -19.96 -14.64
N GLU B 161 3.01 -18.67 -14.60
CA GLU B 161 4.03 -18.09 -15.48
C GLU B 161 4.96 -17.20 -14.66
N TRP B 162 6.26 -17.30 -15.00
CA TRP B 162 7.29 -16.40 -14.53
C TRP B 162 7.67 -15.44 -15.65
N HIS B 163 7.92 -14.17 -15.31
CA HIS B 163 8.43 -13.19 -16.25
C HIS B 163 9.52 -12.32 -15.59
N LEU B 164 10.58 -12.06 -16.34
CA LEU B 164 11.65 -11.22 -15.84
C LEU B 164 11.19 -9.77 -15.73
N VAL B 165 11.60 -9.11 -14.66
CA VAL B 165 11.37 -7.67 -14.54
C VAL B 165 12.73 -6.99 -14.49
N ALA B 166 12.76 -5.71 -14.15
CA ALA B 166 14.01 -4.96 -14.17
C ALA B 166 15.00 -5.49 -13.13
N PRO B 167 16.27 -5.66 -13.50
CA PRO B 167 17.24 -6.21 -12.56
C PRO B 167 17.63 -5.18 -11.51
N MET B 168 18.09 -5.69 -10.37
CA MET B 168 18.61 -4.84 -9.31
C MET B 168 19.84 -4.06 -9.78
N LEU B 169 20.14 -2.99 -9.04
CA LEU B 169 21.40 -2.27 -9.22
C LEU B 169 22.61 -3.09 -8.80
N THR B 170 22.41 -4.14 -8.03
CA THR B 170 23.48 -4.87 -7.38
C THR B 170 23.23 -6.37 -7.50
N ARG B 171 24.29 -7.15 -7.69
CA ARG B 171 24.18 -8.60 -7.56
C ARG B 171 24.12 -8.94 -6.08
N ARG B 172 23.10 -9.73 -5.67
CA ARG B 172 22.90 -10.01 -4.24
C ARG B 172 22.57 -11.49 -4.03
N ILE B 173 23.51 -12.22 -3.41
CA ILE B 173 23.31 -13.56 -2.86
C ILE B 173 23.02 -13.41 -1.38
N GLY B 174 22.15 -14.26 -0.83
CA GLY B 174 21.86 -14.15 0.59
C GLY B 174 21.20 -12.83 0.92
N VAL B 175 20.37 -12.35 0.01
CA VAL B 175 19.70 -11.06 0.10
C VAL B 175 18.44 -11.20 0.95
N GLY B 176 18.15 -10.19 1.76
CA GLY B 176 16.89 -10.13 2.48
C GLY B 176 15.88 -9.30 1.71
N VAL B 177 14.64 -9.77 1.67
CA VAL B 177 13.60 -9.12 0.88
C VAL B 177 12.38 -8.94 1.76
N ALA B 178 11.75 -7.77 1.67
CA ALA B 178 10.45 -7.56 2.30
C ALA B 178 9.68 -6.51 1.53
N VAL B 179 8.37 -6.49 1.76
CA VAL B 179 7.46 -5.61 1.05
C VAL B 179 6.87 -4.61 2.04
N LEU B 180 6.95 -3.33 1.70
CA LEU B 180 6.46 -2.27 2.57
C LEU B 180 5.75 -1.26 1.69
N ASN B 181 4.47 -1.04 1.96
CA ASN B 181 3.65 -0.09 1.18
C ASN B 181 3.69 -0.44 -0.30
N ARG B 182 3.63 -1.73 -0.61
CA ARG B 182 3.58 -2.28 -1.97
C ARG B 182 4.82 -1.92 -2.79
N LEU B 183 5.93 -1.63 -2.13
CA LEU B 183 7.24 -1.55 -2.75
C LEU B 183 8.08 -2.73 -2.28
N LEU B 184 8.99 -3.17 -3.14
CA LEU B 184 9.82 -4.34 -2.85
C LEU B 184 11.23 -3.89 -2.48
N TYR B 185 11.66 -4.21 -1.26
CA TYR B 185 12.99 -3.82 -0.77
C TYR B 185 13.94 -5.02 -0.81
N ALA B 186 15.13 -4.82 -1.35
CA ALA B 186 16.19 -5.82 -1.31
C ALA B 186 17.32 -5.29 -0.45
N VAL B 187 17.74 -6.09 0.54
CA VAL B 187 18.54 -5.60 1.66
C VAL B 187 19.79 -6.48 1.82
N GLY B 188 20.97 -5.86 1.75
CA GLY B 188 22.20 -6.57 2.04
C GLY B 188 22.52 -7.66 1.00
N GLY B 189 23.21 -8.69 1.46
CA GLY B 189 23.62 -9.78 0.61
C GLY B 189 25.11 -9.79 0.33
N PHE B 190 25.47 -10.53 -0.71
CA PHE B 190 26.85 -10.80 -1.11
C PHE B 190 26.91 -10.74 -2.63
N ASP B 191 27.80 -9.91 -3.18
CA ASP B 191 27.83 -9.74 -4.64
C ASP B 191 28.88 -10.63 -5.29
N GLY B 192 29.41 -11.60 -4.56
CA GLY B 192 30.47 -12.44 -5.07
C GLY B 192 31.86 -11.99 -4.71
N THR B 193 32.03 -10.71 -4.40
CA THR B 193 33.30 -10.15 -3.96
C THR B 193 33.17 -9.50 -2.58
N ASN B 194 32.16 -8.66 -2.39
CA ASN B 194 31.94 -7.92 -1.16
C ASN B 194 30.57 -8.23 -0.58
N ARG B 195 30.49 -8.26 0.75
CA ARG B 195 29.22 -8.27 1.44
C ARG B 195 28.71 -6.84 1.62
N LEU B 196 27.39 -6.72 1.72
CA LEU B 196 26.71 -5.47 1.43
C LEU B 196 25.90 -4.99 2.63
N ASN B 197 25.91 -3.69 2.84
CA ASN B 197 24.93 -3.08 3.71
C ASN B 197 23.92 -2.26 2.93
N SER B 198 24.15 -2.10 1.63
CA SER B 198 23.26 -1.32 0.79
C SER B 198 21.88 -1.98 0.72
N ALA B 199 20.90 -1.15 0.41
CA ALA B 199 19.54 -1.61 0.20
C ALA B 199 18.95 -0.80 -0.94
N GLU B 200 17.98 -1.39 -1.64
CA GLU B 200 17.34 -0.74 -2.77
C GLU B 200 15.87 -1.12 -2.82
N CYS B 201 15.09 -0.31 -3.53
CA CYS B 201 13.64 -0.36 -3.51
C CYS B 201 13.12 -0.45 -4.94
N TYR B 202 12.20 -1.37 -5.16
CA TYR B 202 11.64 -1.64 -6.48
C TYR B 202 10.21 -1.12 -6.55
N TYR B 203 9.92 -0.36 -7.60
CA TYR B 203 8.59 0.22 -7.85
C TYR B 203 7.90 -0.54 -8.96
N PRO B 204 6.93 -1.40 -8.66
CA PRO B 204 6.37 -2.27 -9.71
C PRO B 204 5.79 -1.52 -10.89
N GLU B 205 5.14 -0.39 -10.64
CA GLU B 205 4.48 0.31 -11.73
C GLU B 205 5.49 1.04 -12.60
N ARG B 206 6.62 1.42 -12.03
CA ARG B 206 7.66 2.10 -12.79
C ARG B 206 8.72 1.13 -13.28
N ASN B 207 8.65 -0.13 -12.85
CA ASN B 207 9.61 -1.19 -13.21
C ASN B 207 11.04 -0.70 -13.14
N GLU B 208 11.41 -0.18 -11.97
CA GLU B 208 12.79 0.25 -11.78
C GLU B 208 13.14 0.23 -10.30
N TRP B 209 14.43 0.15 -10.05
CA TRP B 209 14.99 0.09 -8.71
C TRP B 209 15.62 1.43 -8.37
N ARG B 210 15.59 1.78 -7.09
CA ARG B 210 16.24 2.98 -6.59
C ARG B 210 16.91 2.69 -5.26
N MET B 211 18.18 3.08 -5.16
CA MET B 211 18.91 2.89 -3.92
C MET B 211 18.27 3.72 -2.82
N ILE B 212 18.28 3.18 -1.61
CA ILE B 212 17.79 3.91 -0.43
C ILE B 212 18.97 4.00 0.52
N THR B 213 18.73 4.53 1.72
CA THR B 213 19.79 4.59 2.72
C THR B 213 20.24 3.19 3.10
N ALA B 214 21.55 3.01 3.21
CA ALA B 214 22.16 1.75 3.56
C ALA B 214 21.96 1.44 5.04
N MET B 215 22.07 0.15 5.38
CA MET B 215 22.02 -0.30 6.76
C MET B 215 23.24 0.14 7.54
N ASN B 216 23.12 0.11 8.86
CA ASN B 216 24.27 0.38 9.69
C ASN B 216 25.31 -0.73 9.57
N THR B 217 24.87 -1.98 9.47
CA THR B 217 25.75 -3.13 9.49
C THR B 217 25.68 -3.90 8.17
N ILE B 218 26.84 -4.37 7.72
CA ILE B 218 26.91 -5.22 6.54
C ILE B 218 26.36 -6.59 6.91
N ARG B 219 25.44 -7.10 6.11
CA ARG B 219 24.79 -8.38 6.40
C ARG B 219 24.50 -9.15 5.11
N SER B 220 25.02 -10.37 5.02
CA SER B 220 24.52 -11.38 4.09
C SER B 220 23.88 -12.50 4.91
N GLY B 221 22.80 -13.06 4.38
CA GLY B 221 22.13 -14.12 5.11
C GLY B 221 21.41 -13.66 6.37
N ALA B 222 20.99 -12.39 6.40
CA ALA B 222 20.11 -11.89 7.43
C ALA B 222 18.68 -12.38 7.20
N GLY B 223 17.87 -12.27 8.25
CA GLY B 223 16.43 -12.40 8.10
C GLY B 223 15.84 -11.01 8.00
N VAL B 224 15.03 -10.79 6.96
CA VAL B 224 14.45 -9.47 6.72
C VAL B 224 12.95 -9.65 6.58
N CYS B 225 12.18 -8.80 7.27
CA CYS B 225 10.73 -8.88 7.22
C CYS B 225 10.15 -7.51 7.49
N VAL B 226 8.82 -7.41 7.38
CA VAL B 226 8.09 -6.19 7.68
C VAL B 226 7.21 -6.41 8.90
N LEU B 227 7.22 -5.46 9.82
CA LEU B 227 6.38 -5.50 11.01
C LEU B 227 5.96 -4.09 11.36
N HIS B 228 4.65 -3.84 11.43
CA HIS B 228 4.13 -2.52 11.83
C HIS B 228 4.72 -1.41 10.97
N ASN B 229 4.74 -1.64 9.65
CA ASN B 229 5.17 -0.62 8.67
C ASN B 229 6.64 -0.26 8.81
N CYS B 230 7.46 -1.18 9.30
CA CYS B 230 8.90 -1.02 9.38
C CYS B 230 9.58 -2.26 8.84
N ILE B 231 10.69 -2.10 8.12
CA ILE B 231 11.52 -3.21 7.66
C ILE B 231 12.52 -3.56 8.75
N TYR B 232 12.61 -4.85 9.09
CA TYR B 232 13.58 -5.30 10.08
C TYR B 232 14.63 -6.17 9.41
N ALA B 233 15.88 -5.98 9.80
CA ALA B 233 17.01 -6.80 9.35
C ALA B 233 17.68 -7.36 10.59
N ALA B 234 17.68 -8.70 10.71
CA ALA B 234 18.16 -9.38 11.92
C ALA B 234 19.28 -10.36 11.58
N GLY B 235 20.37 -10.30 12.34
CA GLY B 235 21.45 -11.27 12.19
C GLY B 235 22.13 -11.17 10.83
N GLY B 236 22.64 -12.30 10.38
CA GLY B 236 23.43 -12.34 9.17
C GLY B 236 24.91 -12.51 9.47
N TYR B 237 25.72 -12.29 8.45
CA TYR B 237 27.15 -12.48 8.49
C TYR B 237 27.80 -11.29 7.79
N ASP B 238 28.83 -10.70 8.39
CA ASP B 238 29.43 -9.50 7.82
C ASP B 238 30.77 -9.76 7.15
N GLY B 239 31.14 -11.01 6.98
CA GLY B 239 32.46 -11.38 6.50
C GLY B 239 33.46 -11.70 7.59
N GLN B 240 33.14 -11.40 8.84
CA GLN B 240 34.00 -11.74 9.96
C GLN B 240 33.21 -12.44 11.07
N ASP B 241 32.10 -11.85 11.51
CA ASP B 241 31.31 -12.42 12.59
C ASP B 241 29.89 -12.74 12.13
N GLN B 242 29.31 -13.79 12.72
CA GLN B 242 27.85 -13.91 12.69
C GLN B 242 27.26 -12.89 13.66
N LEU B 243 26.08 -12.36 13.32
CA LEU B 243 25.57 -11.16 13.98
C LEU B 243 24.33 -11.49 14.80
N ASN B 244 24.18 -10.82 15.94
CA ASN B 244 22.93 -10.83 16.67
C ASN B 244 22.21 -9.49 16.61
N SER B 245 22.80 -8.48 15.99
CA SER B 245 22.17 -7.17 15.95
C SER B 245 20.97 -7.16 15.01
N VAL B 246 20.04 -6.26 15.30
CA VAL B 246 18.80 -6.08 14.55
C VAL B 246 18.61 -4.58 14.36
N GLU B 247 18.30 -4.17 13.13
CA GLU B 247 18.01 -2.77 12.85
C GLU B 247 16.74 -2.68 12.02
N ARG B 248 16.14 -1.50 12.05
CA ARG B 248 14.79 -1.29 11.56
C ARG B 248 14.76 -0.03 10.71
N TYR B 249 14.09 -0.12 9.57
CA TYR B 249 14.03 0.97 8.60
C TYR B 249 12.67 1.64 8.61
N ASP B 250 12.67 2.96 8.76
CA ASP B 250 11.47 3.76 8.69
C ASP B 250 11.46 4.53 7.37
N VAL B 251 10.39 4.38 6.59
CA VAL B 251 10.36 5.03 5.28
C VAL B 251 10.20 6.55 5.42
N ALA B 252 9.53 7.02 6.47
CA ALA B 252 9.35 8.46 6.66
C ALA B 252 10.69 9.14 6.95
N THR B 253 11.43 8.64 7.92
CA THR B 253 12.74 9.18 8.25
C THR B 253 13.85 8.65 7.35
N ALA B 254 13.58 7.65 6.51
CA ALA B 254 14.58 7.05 5.63
C ALA B 254 15.87 6.74 6.39
N THR B 255 15.71 6.16 7.58
CA THR B 255 16.84 5.87 8.46
C THR B 255 16.71 4.44 9.00
N TRP B 256 17.86 3.79 9.17
CA TRP B 256 17.96 2.52 9.89
C TRP B 256 18.35 2.78 11.35
N THR B 257 17.58 2.22 12.27
CA THR B 257 17.81 2.34 13.71
C THR B 257 17.97 0.97 14.35
N PHE B 258 19.00 0.80 15.16
CA PHE B 258 19.19 -0.45 15.90
C PHE B 258 18.10 -0.63 16.95
N VAL B 259 17.60 -1.86 17.08
CA VAL B 259 16.72 -2.19 18.19
C VAL B 259 17.42 -3.23 19.07
N ALA B 260 16.67 -3.88 19.95
CA ALA B 260 17.26 -4.89 20.81
C ALA B 260 17.88 -6.01 19.97
N PRO B 261 19.07 -6.49 20.32
CA PRO B 261 19.67 -7.62 19.61
C PRO B 261 19.07 -8.96 20.03
N MET B 262 19.17 -9.93 19.12
CA MET B 262 18.81 -11.30 19.45
C MET B 262 19.79 -11.87 20.49
N LYS B 263 19.36 -12.95 21.16
CA LYS B 263 20.23 -13.64 22.11
C LYS B 263 21.37 -14.36 21.39
N HIS B 264 21.06 -15.03 20.30
CA HIS B 264 22.02 -15.86 19.60
C HIS B 264 22.40 -15.19 18.28
N ARG B 265 23.70 -15.02 18.06
CA ARG B 265 24.19 -14.72 16.73
C ARG B 265 23.78 -15.82 15.75
N ARG B 266 23.39 -15.42 14.55
CA ARG B 266 22.97 -16.41 13.55
C ARG B 266 22.99 -15.80 12.15
N SER B 267 23.54 -16.56 11.21
CA SER B 267 23.45 -16.28 9.79
C SER B 267 22.63 -17.39 9.11
N ALA B 268 21.97 -17.03 8.00
CA ALA B 268 21.10 -17.98 7.27
C ALA B 268 19.94 -18.44 8.15
N LEU B 269 19.39 -17.52 8.93
CA LEU B 269 18.22 -17.80 9.74
C LEU B 269 16.95 -17.67 8.90
N GLY B 270 15.87 -18.31 9.38
CA GLY B 270 14.55 -18.08 8.83
C GLY B 270 13.84 -17.02 9.66
N ILE B 271 13.00 -16.21 9.00
CA ILE B 271 12.28 -15.17 9.74
C ILE B 271 10.85 -15.09 9.22
N THR B 272 9.92 -14.79 10.12
CA THR B 272 8.56 -14.49 9.70
C THR B 272 7.89 -13.64 10.78
N VAL B 273 6.66 -13.22 10.49
CA VAL B 273 5.85 -12.45 11.43
C VAL B 273 4.57 -13.23 11.67
N HIS B 274 4.22 -13.38 12.95
CA HIS B 274 3.02 -14.09 13.37
C HIS B 274 2.39 -13.28 14.49
N GLN B 275 1.17 -12.80 14.25
CA GLN B 275 0.37 -12.06 15.22
C GLN B 275 1.17 -10.95 15.89
N GLY B 276 1.77 -10.09 15.07
CA GLY B 276 2.42 -8.89 15.57
C GLY B 276 3.80 -9.06 16.16
N ARG B 277 4.41 -10.25 16.05
CA ARG B 277 5.75 -10.48 16.59
C ARG B 277 6.62 -11.18 15.55
N ILE B 278 7.92 -10.93 15.62
CA ILE B 278 8.88 -11.55 14.71
C ILE B 278 9.36 -12.85 15.32
N TYR B 279 9.46 -13.89 14.50
CA TYR B 279 10.06 -15.16 14.89
C TYR B 279 11.28 -15.42 14.01
N VAL B 280 12.42 -15.72 14.64
CA VAL B 280 13.61 -16.14 13.92
C VAL B 280 13.86 -17.60 14.25
N LEU B 281 14.22 -18.38 13.23
CA LEU B 281 14.32 -19.84 13.34
C LEU B 281 15.69 -20.28 12.86
N GLY B 282 16.42 -20.96 13.72
CA GLY B 282 17.62 -21.66 13.36
C GLY B 282 18.70 -20.73 12.85
N GLY B 283 19.48 -21.24 11.93
CA GLY B 283 20.63 -20.52 11.42
C GLY B 283 21.93 -21.16 11.89
N TYR B 284 23.02 -20.43 11.64
CA TYR B 284 24.38 -20.90 11.85
C TYR B 284 25.13 -19.82 12.60
N ASP B 285 25.81 -20.22 13.67
CA ASP B 285 26.51 -19.25 14.50
C ASP B 285 28.03 -19.34 14.41
N GLY B 286 28.55 -19.96 13.35
CA GLY B 286 29.98 -20.22 13.24
C GLY B 286 30.40 -21.56 13.79
N HIS B 287 29.59 -22.19 14.64
CA HIS B 287 29.94 -23.47 15.22
C HIS B 287 28.85 -24.52 15.11
N THR B 288 27.60 -24.14 15.30
CA THR B 288 26.53 -25.12 15.32
C THR B 288 25.39 -24.65 14.45
N PHE B 289 24.63 -25.62 13.95
CA PHE B 289 23.38 -25.32 13.29
C PHE B 289 22.30 -25.28 14.36
N LEU B 290 21.77 -24.08 14.60
CA LEU B 290 20.91 -23.82 15.75
C LEU B 290 19.52 -24.40 15.59
N ASP B 291 18.94 -24.87 16.70
CA ASP B 291 17.52 -25.19 16.74
C ASP B 291 16.72 -24.16 17.50
N SER B 292 17.37 -23.12 18.03
CA SER B 292 16.71 -22.09 18.80
C SER B 292 15.74 -21.29 17.95
N VAL B 293 14.57 -21.00 18.52
CA VAL B 293 13.60 -20.07 17.96
C VAL B 293 13.41 -18.92 18.94
N GLU B 294 13.66 -17.70 18.49
CA GLU B 294 13.50 -16.50 19.29
C GLU B 294 12.35 -15.66 18.75
N CYS B 295 11.74 -14.89 19.63
CA CYS B 295 10.56 -14.11 19.30
C CYS B 295 10.76 -12.68 19.75
N TYR B 296 10.52 -11.72 18.85
CA TYR B 296 10.67 -10.29 19.15
C TYR B 296 9.30 -9.67 19.40
N ASP B 297 9.12 -9.07 20.57
CA ASP B 297 7.90 -8.31 20.83
C ASP B 297 8.21 -6.83 20.65
N PRO B 298 7.64 -6.14 19.65
CA PRO B 298 8.01 -4.74 19.43
C PRO B 298 7.50 -3.79 20.51
N ASP B 299 6.42 -4.13 21.21
CA ASP B 299 5.93 -3.27 22.28
C ASP B 299 6.92 -3.16 23.43
N THR B 300 7.68 -4.22 23.67
CA THR B 300 8.64 -4.24 24.76
C THR B 300 10.07 -4.06 24.27
N ASP B 301 10.30 -4.18 22.96
CA ASP B 301 11.64 -4.22 22.39
C ASP B 301 12.50 -5.26 23.11
N THR B 302 11.97 -6.48 23.19
CA THR B 302 12.73 -7.59 23.80
C THR B 302 12.56 -8.87 22.99
N TRP B 303 13.62 -9.67 23.01
CA TRP B 303 13.64 -11.01 22.45
C TRP B 303 13.52 -12.03 23.58
N SER B 304 12.91 -13.16 23.26
CA SER B 304 12.91 -14.31 24.15
C SER B 304 12.91 -15.57 23.31
N GLU B 305 13.45 -16.66 23.88
CA GLU B 305 13.40 -17.96 23.23
C GLU B 305 12.05 -18.62 23.54
N VAL B 306 11.35 -19.08 22.51
CA VAL B 306 10.01 -19.61 22.71
C VAL B 306 9.92 -21.13 22.50
N THR B 307 10.74 -21.70 21.64
CA THR B 307 10.73 -23.15 21.43
C THR B 307 12.08 -23.57 20.88
N ARG B 308 12.25 -24.87 20.69
CA ARG B 308 13.35 -25.38 19.91
C ARG B 308 12.78 -26.21 18.77
N MET B 309 13.38 -26.06 17.59
CA MET B 309 13.01 -26.90 16.46
CA MET B 309 13.02 -26.90 16.45
C MET B 309 13.38 -28.35 16.76
N THR B 310 12.77 -29.27 16.03
CA THR B 310 13.03 -30.67 16.29
C THR B 310 14.47 -31.07 15.98
N SER B 311 15.16 -30.31 15.12
CA SER B 311 16.59 -30.47 14.92
C SER B 311 17.13 -29.18 14.33
N GLY B 312 18.39 -28.85 14.65
CA GLY B 312 18.98 -27.62 14.15
C GLY B 312 19.23 -27.65 12.66
N ARG B 313 19.14 -26.48 12.04
CA ARG B 313 19.25 -26.32 10.59
C ARG B 313 19.39 -24.84 10.27
N SER B 314 20.00 -24.55 9.13
CA SER B 314 20.10 -23.19 8.61
C SER B 314 19.43 -23.18 7.25
N GLY B 315 19.24 -21.98 6.67
CA GLY B 315 18.85 -21.92 5.26
C GLY B 315 17.43 -22.37 4.97
N VAL B 316 16.50 -22.20 5.92
CA VAL B 316 15.11 -22.62 5.75
C VAL B 316 14.31 -21.52 5.07
N GLY B 317 13.17 -21.91 4.49
CA GLY B 317 12.14 -20.97 4.09
C GLY B 317 11.02 -21.04 5.10
N VAL B 318 10.52 -19.86 5.52
CA VAL B 318 9.50 -19.77 6.56
C VAL B 318 8.38 -18.84 6.12
N ALA B 319 7.13 -19.21 6.45
CA ALA B 319 5.99 -18.35 6.17
C ALA B 319 4.84 -18.83 7.04
N VAL B 320 3.79 -18.01 7.11
CA VAL B 320 2.67 -18.24 8.01
C VAL B 320 1.39 -18.40 7.20
N THR B 321 0.64 -19.45 7.47
CA THR B 321 -0.68 -19.57 6.87
C THR B 321 -1.53 -20.48 7.77
N MET B 322 -2.78 -20.70 7.34
CA MET B 322 -3.74 -21.47 8.10
C MET B 322 -3.19 -22.85 8.45
N GLU B 323 -3.68 -23.40 9.54
CA GLU B 323 -3.28 -24.73 9.94
C GLU B 323 -3.98 -25.79 9.08
N PRO B 324 -3.34 -26.93 8.86
CA PRO B 324 -3.90 -27.93 7.94
C PRO B 324 -5.20 -28.54 8.44
N SER B 325 -5.98 -29.06 7.48
CA SER B 325 -7.19 -29.81 7.83
C SER B 325 -6.87 -31.26 8.21
N LEU C 1 -22.32 33.62 -11.08
CA LEU C 1 -21.90 32.22 -10.99
C LEU C 1 -20.51 32.05 -10.42
N ASP C 2 -20.35 31.01 -9.58
CA ASP C 2 -19.04 30.60 -9.11
C ASP C 2 -18.19 30.19 -10.31
N GLU C 3 -17.04 30.86 -10.49
CA GLU C 3 -16.20 30.60 -11.65
C GLU C 3 -15.65 29.18 -11.65
N GLU C 4 -15.61 28.55 -10.48
CA GLU C 4 -14.96 27.25 -10.31
C GLU C 4 -15.94 26.09 -10.31
N THR C 5 -17.13 26.28 -9.73
CA THR C 5 -18.12 25.24 -9.65
C THR C 5 -19.33 25.46 -10.54
N GLY C 6 -19.55 26.69 -11.01
CA GLY C 6 -20.72 27.01 -11.80
C GLY C 6 -21.98 27.31 -11.00
N GLU C 7 -21.96 27.16 -9.68
CA GLU C 7 -23.16 27.37 -8.89
C GLU C 7 -23.55 28.83 -8.85
N PHE C 8 -24.85 29.06 -8.78
CA PHE C 8 -25.38 30.41 -8.59
C PHE C 8 -24.92 30.94 -7.24
N LEU C 9 -24.39 32.15 -7.25
CA LEU C 9 -23.82 32.73 -6.04
C LEU C 9 -24.90 33.14 -5.05
#